data_4WIH
#
_entry.id   4WIH
#
_cell.length_a   58.276
_cell.length_b   72.949
_cell.length_c   109.351
_cell.angle_alpha   90.00
_cell.angle_beta   90.00
_cell.angle_gamma   90.00
#
_symmetry.space_group_name_H-M   'P 21 21 21'
#
loop_
_entity.id
_entity.type
_entity.pdbx_description
1 polymer 'cAMP-dependent protein kinase catalytic subunit alpha'
2 polymer 'cAMP Dependent Protein Kinase Inhibitor PKI-tide'
3 water water
#
loop_
_entity_poly.entity_id
_entity_poly.type
_entity_poly.pdbx_seq_one_letter_code
_entity_poly.pdbx_strand_id
1 'polypeptide(L)'
;GHMGNAAAAKKG(SEP)EQESVKEFLAKAKEEFLKKWESPSQNTAQLDHFDRIKTLGTGSFGRVMLVKHKETGNHYAMKI
LDKQKVVKLKQIEHTLNEKRILQAVNFPFLVKLEFSFKDNSNLYMVMEYVPGGEMFSHLRRIGRFSEPHARFYAAQIVLT
FEYLHSLDLIYRDLKPENLLIDQQGYIQVTDFGFAKRVKGRTW(TPO)LCGTPEYLAPEIILSKGYNKAVDWWALGVLIY
EMAAGYPPFFADQPIQIYEKIVSGKVRFPSHFSSDLKDLLRNLLQVDLTKRFGNLKNGVNDIKNHKWFATTDWIAIYQRK
VEAPFIPKFKGPGDTSNFDDYEEEEIRV(SEP)INEKCGKEFTEF
;
A
2 'polypeptide(L)' IAAGRTGRRQAIHDILVAA B
#
# COMPACT_ATOMS: atom_id res chain seq x y z
N GLY A 1 -34.12 13.23 9.34
CA GLY A 1 -32.80 12.66 9.41
C GLY A 1 -31.75 13.54 8.75
N HIS A 2 -30.52 13.05 8.68
CA HIS A 2 -29.45 13.83 8.06
C HIS A 2 -29.66 13.97 6.56
N MET A 3 -30.10 12.90 5.90
CA MET A 3 -30.37 12.96 4.47
C MET A 3 -31.87 13.10 4.19
N GLY A 4 -32.20 13.99 3.25
CA GLY A 4 -33.55 14.04 2.71
C GLY A 4 -33.78 12.82 1.83
N ASN A 5 -35.03 12.64 1.41
CA ASN A 5 -35.42 11.45 0.63
C ASN A 5 -34.55 11.20 -0.60
N ALA A 6 -34.34 12.23 -1.41
CA ALA A 6 -33.59 12.08 -2.65
C ALA A 6 -32.14 11.64 -2.39
N ALA A 7 -31.49 12.31 -1.44
CA ALA A 7 -30.12 12.00 -1.10
C ALA A 7 -30.00 10.59 -0.55
N ALA A 8 -30.96 10.17 0.28
CA ALA A 8 -30.94 8.84 0.86
C ALA A 8 -31.07 7.77 -0.21
N ALA A 9 -31.98 7.98 -1.15
CA ALA A 9 -32.18 7.05 -2.25
C ALA A 9 -30.93 6.94 -3.12
N LYS A 10 -30.32 8.07 -3.41
CA LYS A 10 -29.11 8.13 -4.21
C LYS A 10 -27.98 7.36 -3.54
N LYS A 11 -27.76 7.62 -2.26
CA LYS A 11 -26.73 6.92 -1.49
C LYS A 11 -26.98 5.43 -1.42
N GLY A 12 -28.21 5.03 -1.19
CA GLY A 12 -28.54 3.62 -1.10
C GLY A 12 -28.25 2.90 -2.41
N SEP A 13 -28.65 3.52 -3.51
CA SEP A 13 -28.40 2.96 -4.83
CB SEP A 13 -29.07 3.80 -5.91
OG SEP A 13 -28.64 3.35 -7.19
C SEP A 13 -26.89 2.85 -5.08
O SEP A 13 -26.41 1.85 -5.61
P SEP A 13 -29.72 3.42 -8.38
O1P SEP A 13 -30.31 4.91 -8.42
O2P SEP A 13 -30.94 2.41 -8.13
O3P SEP A 13 -28.93 3.07 -9.72
N GLU A 14 -26.15 3.89 -4.71
CA GLU A 14 -24.70 3.89 -4.87
C GLU A 14 -24.05 2.75 -4.09
N GLN A 15 -24.51 2.53 -2.87
CA GLN A 15 -23.95 1.46 -2.05
C GLN A 15 -24.26 0.09 -2.63
N GLU A 16 -25.46 -0.09 -3.15
CA GLU A 16 -25.81 -1.34 -3.84
C GLU A 16 -24.95 -1.55 -5.08
N SER A 17 -24.70 -0.48 -5.84
CA SER A 17 -23.86 -0.59 -7.02
C SER A 17 -22.43 -1.01 -6.66
N VAL A 18 -21.96 -0.57 -5.49
CA VAL A 18 -20.65 -1.01 -5.01
C VAL A 18 -20.65 -2.54 -4.81
N LYS A 19 -21.71 -3.06 -4.20
CA LYS A 19 -21.83 -4.51 -4.00
C LYS A 19 -21.76 -5.24 -5.34
N GLU A 20 -22.48 -4.73 -6.33
CA GLU A 20 -22.50 -5.33 -7.66
C GLU A 20 -21.11 -5.31 -8.32
N PHE A 21 -20.42 -4.19 -8.21
CA PHE A 21 -19.06 -4.07 -8.71
C PHE A 21 -18.13 -5.09 -8.04
N LEU A 22 -18.24 -5.18 -6.73
CA LEU A 22 -17.31 -6.02 -5.98
C LEU A 22 -17.56 -7.49 -6.27
N ALA A 23 -18.82 -7.87 -6.50
CA ALA A 23 -19.13 -9.25 -6.81
C ALA A 23 -18.46 -9.66 -8.11
N LYS A 24 -18.52 -8.78 -9.08
CA LYS A 24 -17.86 -9.07 -10.33
C LYS A 24 -16.34 -9.07 -10.21
N ALA A 25 -15.81 -8.13 -9.43
CA ALA A 25 -14.37 -8.06 -9.18
C ALA A 25 -13.86 -9.35 -8.55
N LYS A 26 -14.66 -9.94 -7.68
CA LYS A 26 -14.27 -11.18 -7.01
C LYS A 26 -14.23 -12.34 -7.99
N GLU A 27 -15.23 -12.42 -8.85
CA GLU A 27 -15.25 -13.44 -9.90
C GLU A 27 -13.99 -13.36 -10.75
N GLU A 28 -13.61 -12.15 -11.14
N GLU A 28 -13.60 -12.14 -11.13
CA GLU A 28 -12.43 -11.95 -11.98
CA GLU A 28 -12.44 -11.93 -11.98
C GLU A 28 -11.16 -12.34 -11.25
C GLU A 28 -11.13 -12.28 -11.26
N PHE A 29 -11.05 -11.89 -9.99
CA PHE A 29 -9.88 -12.21 -9.17
C PHE A 29 -9.69 -13.71 -8.99
N LEU A 30 -10.75 -14.42 -8.64
CA LEU A 30 -10.64 -15.86 -8.36
C LEU A 30 -10.22 -16.64 -9.60
N LYS A 31 -10.70 -16.23 -10.77
CA LYS A 31 -10.32 -16.88 -12.01
C LYS A 31 -8.81 -16.76 -12.22
N LYS A 32 -8.24 -15.60 -11.90
CA LYS A 32 -6.79 -15.43 -12.02
C LYS A 32 -6.03 -16.06 -10.86
N TRP A 33 -6.66 -16.11 -9.69
CA TRP A 33 -6.05 -16.63 -8.48
C TRP A 33 -5.90 -18.16 -8.53
N GLU A 34 -6.83 -18.80 -9.22
CA GLU A 34 -6.86 -20.26 -9.29
C GLU A 34 -6.03 -20.78 -10.46
N SER A 35 -6.17 -20.16 -11.63
CA SER A 35 -5.36 -20.53 -12.79
C SER A 35 -4.60 -19.31 -13.31
N PRO A 36 -3.48 -18.98 -12.65
CA PRO A 36 -2.65 -17.83 -13.02
C PRO A 36 -2.01 -17.98 -14.40
N SER A 37 -1.77 -16.86 -15.07
CA SER A 37 -1.19 -16.88 -16.42
C SER A 37 0.31 -16.73 -16.38
N GLN A 38 0.98 -17.32 -17.37
CA GLN A 38 2.42 -17.19 -17.53
C GLN A 38 2.81 -15.75 -17.81
N ASN A 39 3.81 -15.25 -17.08
CA ASN A 39 4.34 -13.93 -17.32
C ASN A 39 5.86 -13.95 -17.26
N THR A 40 6.45 -14.96 -17.90
CA THR A 40 7.88 -15.17 -17.78
C THR A 40 8.69 -14.14 -18.55
N ALA A 41 9.95 -13.99 -18.16
CA ALA A 41 10.94 -13.20 -18.86
C ALA A 41 12.28 -13.65 -18.30
N GLN A 42 13.35 -12.98 -18.69
CA GLN A 42 14.64 -13.29 -18.08
C GLN A 42 15.46 -12.01 -17.97
N LEU A 43 16.50 -12.07 -17.15
CA LEU A 43 17.26 -10.88 -16.79
C LEU A 43 17.85 -10.17 -18.00
N ASP A 44 18.38 -10.92 -18.96
CA ASP A 44 19.07 -10.28 -20.09
C ASP A 44 18.09 -9.73 -21.13
N HIS A 45 16.79 -9.74 -20.80
CA HIS A 45 15.79 -9.06 -21.60
C HIS A 45 15.72 -7.58 -21.24
N PHE A 46 16.45 -7.19 -20.21
CA PHE A 46 16.38 -5.83 -19.69
C PHE A 46 17.75 -5.17 -19.54
N ASP A 47 17.79 -3.86 -19.78
CA ASP A 47 18.91 -3.04 -19.38
C ASP A 47 18.63 -2.43 -18.01
N ARG A 48 19.56 -2.58 -17.07
CA ARG A 48 19.39 -1.96 -15.76
C ARG A 48 19.87 -0.52 -15.81
N ILE A 49 19.05 0.40 -15.29
CA ILE A 49 19.35 1.81 -15.42
C ILE A 49 19.74 2.48 -14.09
N LYS A 50 18.89 2.34 -13.08
CA LYS A 50 19.09 3.05 -11.82
C LYS A 50 18.32 2.39 -10.68
N THR A 51 18.87 2.44 -9.47
CA THR A 51 18.15 1.96 -8.29
C THR A 51 17.19 3.03 -7.80
N LEU A 52 15.91 2.66 -7.69
CA LEU A 52 14.84 3.58 -7.33
C LEU A 52 14.49 3.53 -5.85
N GLY A 53 14.88 2.44 -5.20
CA GLY A 53 14.58 2.27 -3.79
C GLY A 53 15.21 1.00 -3.28
N THR A 54 15.37 0.86 -2.00
CA THR A 54 15.89 -0.36 -1.49
C THR A 54 14.92 -0.90 -0.51
N GLY A 55 15.01 -2.17 -0.22
CA GLY A 55 14.26 -2.73 0.88
C GLY A 55 14.99 -3.85 1.58
N SER A 56 14.22 -4.79 2.08
CA SER A 56 14.81 -6.02 2.53
C SER A 56 15.02 -6.77 1.24
N PHE A 57 16.01 -7.61 1.22
CA PHE A 57 16.15 -8.54 0.15
C PHE A 57 16.73 -7.98 -1.10
N GLY A 58 16.80 -6.66 -1.22
CA GLY A 58 17.29 -6.07 -2.44
C GLY A 58 16.82 -4.69 -2.80
N ARG A 59 16.52 -4.47 -4.06
CA ARG A 59 16.19 -3.16 -4.51
C ARG A 59 14.94 -3.16 -5.36
N VAL A 60 14.53 -1.97 -5.76
CA VAL A 60 13.70 -1.76 -6.93
C VAL A 60 14.54 -0.98 -7.92
N MET A 61 14.63 -1.48 -9.14
CA MET A 61 15.44 -0.83 -10.15
C MET A 61 14.63 -0.40 -11.34
N LEU A 62 14.94 0.78 -11.86
CA LEU A 62 14.44 1.15 -13.18
C LEU A 62 15.17 0.31 -14.22
N VAL A 63 14.42 -0.42 -15.03
CA VAL A 63 15.00 -1.19 -16.12
C VAL A 63 14.35 -0.80 -17.43
N LYS A 64 15.03 -1.07 -18.53
CA LYS A 64 14.48 -0.86 -19.86
C LYS A 64 14.39 -2.18 -20.59
N HIS A 65 13.18 -2.55 -20.99
CA HIS A 65 12.96 -3.77 -21.76
C HIS A 65 13.60 -3.59 -23.14
N LYS A 66 14.54 -4.47 -23.48
CA LYS A 66 15.35 -4.29 -24.68
C LYS A 66 14.53 -4.29 -25.97
N GLU A 67 13.62 -5.24 -26.09
CA GLU A 67 12.86 -5.39 -27.33
C GLU A 67 11.84 -4.28 -27.53
N THR A 68 11.04 -4.00 -26.51
CA THR A 68 9.94 -3.03 -26.62
C THR A 68 10.38 -1.59 -26.37
N GLY A 69 11.45 -1.41 -25.62
CA GLY A 69 11.92 -0.08 -25.26
C GLY A 69 11.19 0.52 -24.08
N ASN A 70 10.21 -0.23 -23.56
CA ASN A 70 9.44 0.22 -22.40
C ASN A 70 10.26 0.21 -21.12
N HIS A 71 10.01 1.18 -20.25
CA HIS A 71 10.62 1.21 -18.93
C HIS A 71 9.74 0.52 -17.90
N TYR A 72 10.37 -0.13 -16.93
CA TYR A 72 9.67 -0.83 -15.87
C TYR A 72 10.39 -0.67 -14.54
N ALA A 73 9.67 -0.88 -13.45
CA ALA A 73 10.30 -1.00 -12.14
C ALA A 73 10.47 -2.50 -11.82
N MET A 74 11.70 -2.91 -11.57
N MET A 74 11.70 -2.90 -11.57
CA MET A 74 11.96 -4.31 -11.27
CA MET A 74 12.02 -4.30 -11.28
C MET A 74 12.38 -4.50 -9.82
C MET A 74 12.39 -4.49 -9.81
N LYS A 75 11.56 -5.22 -9.07
CA LYS A 75 11.89 -5.57 -7.70
C LYS A 75 12.73 -6.85 -7.71
N ILE A 76 13.92 -6.76 -7.11
CA ILE A 76 14.83 -7.88 -7.05
C ILE A 76 14.98 -8.38 -5.62
N LEU A 77 14.80 -9.69 -5.43
CA LEU A 77 14.93 -10.29 -4.12
C LEU A 77 15.99 -11.38 -4.13
N ASP A 78 16.98 -11.24 -3.26
CA ASP A 78 17.99 -12.27 -3.11
C ASP A 78 17.42 -13.42 -2.28
N LYS A 79 17.38 -14.61 -2.88
CA LYS A 79 16.69 -15.75 -2.28
C LYS A 79 17.26 -16.15 -0.93
N GLN A 80 18.57 -16.03 -0.75
CA GLN A 80 19.20 -16.42 0.50
C GLN A 80 18.83 -15.49 1.67
N LYS A 81 18.56 -14.22 1.38
CA LYS A 81 18.14 -13.31 2.44
C LYS A 81 16.68 -13.57 2.80
N VAL A 82 15.90 -13.96 1.80
CA VAL A 82 14.47 -14.22 1.99
C VAL A 82 14.21 -15.42 2.89
N VAL A 83 14.93 -16.51 2.65
CA VAL A 83 14.77 -17.74 3.41
C VAL A 83 15.19 -17.60 4.87
N LYS A 84 16.19 -16.75 5.12
CA LYS A 84 16.70 -16.60 6.48
C LYS A 84 15.78 -15.74 7.33
N LEU A 85 15.12 -14.78 6.69
CA LEU A 85 14.19 -13.89 7.39
C LEU A 85 12.77 -14.44 7.37
N LYS A 86 12.67 -15.72 7.02
CA LYS A 86 11.41 -16.44 6.96
C LYS A 86 10.35 -15.64 6.20
N GLN A 87 10.82 -15.04 5.14
CA GLN A 87 9.97 -14.23 4.27
C GLN A 87 9.65 -14.98 2.98
N ILE A 88 9.73 -16.31 3.03
CA ILE A 88 9.46 -17.14 1.88
C ILE A 88 7.98 -17.06 1.50
N GLU A 89 7.10 -17.36 2.44
CA GLU A 89 5.68 -17.37 2.09
C GLU A 89 5.18 -15.96 1.76
N HIS A 90 5.73 -14.95 2.42
CA HIS A 90 5.36 -13.56 2.11
C HIS A 90 5.72 -13.20 0.68
N THR A 91 6.87 -13.67 0.20
CA THR A 91 7.28 -13.35 -1.16
C THR A 91 6.41 -14.10 -2.16
N LEU A 92 6.02 -15.33 -1.84
CA LEU A 92 5.05 -16.05 -2.66
C LEU A 92 3.67 -15.37 -2.65
N ASN A 93 3.25 -14.89 -1.47
CA ASN A 93 2.02 -14.09 -1.36
C ASN A 93 2.06 -12.90 -2.32
N GLU A 94 3.16 -12.16 -2.26
CA GLU A 94 3.34 -10.92 -2.99
C GLU A 94 3.12 -11.14 -4.49
N LYS A 95 3.84 -12.11 -5.04
CA LYS A 95 3.75 -12.42 -6.46
C LYS A 95 2.35 -12.87 -6.86
N ARG A 96 1.79 -13.81 -6.11
CA ARG A 96 0.50 -14.37 -6.46
C ARG A 96 -0.61 -13.33 -6.41
N ILE A 97 -0.58 -12.48 -5.38
CA ILE A 97 -1.59 -11.45 -5.26
C ILE A 97 -1.45 -10.39 -6.36
N LEU A 98 -0.22 -9.92 -6.61
CA LEU A 98 0.00 -8.93 -7.67
C LEU A 98 -0.45 -9.43 -9.02
N GLN A 99 -0.25 -10.73 -9.25
N GLN A 99 -0.08 -10.67 -9.32
CA GLN A 99 -0.67 -11.40 -10.49
CA GLN A 99 -0.64 -11.33 -10.49
C GLN A 99 -2.18 -11.40 -10.67
C GLN A 99 -2.14 -11.29 -10.65
N ALA A 100 -2.91 -11.43 -9.57
CA ALA A 100 -4.36 -11.66 -9.69
C ALA A 100 -5.24 -10.42 -9.55
N VAL A 101 -4.73 -9.35 -8.94
CA VAL A 101 -5.55 -8.17 -8.70
C VAL A 101 -5.62 -7.26 -9.93
N ASN A 102 -6.61 -6.36 -9.91
CA ASN A 102 -6.80 -5.39 -10.96
C ASN A 102 -7.61 -4.21 -10.42
N PHE A 103 -6.98 -3.06 -10.27
CA PHE A 103 -7.65 -1.88 -9.72
C PHE A 103 -6.83 -0.66 -10.14
N PRO A 104 -7.47 0.51 -10.34
CA PRO A 104 -6.73 1.61 -10.94
C PRO A 104 -5.60 2.16 -10.07
N PHE A 105 -5.62 1.88 -8.77
CA PHE A 105 -4.62 2.42 -7.84
C PHE A 105 -3.67 1.34 -7.34
N LEU A 106 -3.67 0.18 -7.98
CA LEU A 106 -2.74 -0.90 -7.65
C LEU A 106 -1.76 -1.06 -8.80
N VAL A 107 -0.46 -1.09 -8.50
CA VAL A 107 0.53 -1.19 -9.57
C VAL A 107 0.32 -2.50 -10.33
N LYS A 108 0.60 -2.46 -11.62
CA LYS A 108 0.39 -3.61 -12.48
C LYS A 108 1.68 -4.39 -12.74
N LEU A 109 1.65 -5.68 -12.41
CA LEU A 109 2.76 -6.59 -12.63
C LEU A 109 2.80 -7.05 -14.08
N GLU A 110 3.99 -7.02 -14.67
CA GLU A 110 4.15 -7.42 -16.07
C GLU A 110 4.85 -8.77 -16.20
N PHE A 111 5.91 -8.98 -15.43
CA PHE A 111 6.67 -10.23 -15.51
C PHE A 111 7.11 -10.69 -14.13
N SER A 112 7.31 -11.99 -13.99
CA SER A 112 7.99 -12.52 -12.82
C SER A 112 8.86 -13.69 -13.25
N PHE A 113 10.02 -13.80 -12.64
CA PHE A 113 10.92 -14.90 -12.93
C PHE A 113 11.97 -15.02 -11.84
N LYS A 114 12.82 -16.02 -11.96
CA LYS A 114 13.85 -16.27 -10.97
C LYS A 114 15.08 -16.84 -11.63
N ASP A 115 16.21 -16.77 -10.95
CA ASP A 115 17.41 -17.48 -11.41
C ASP A 115 18.06 -18.16 -10.23
N ASN A 116 19.34 -18.50 -10.36
CA ASN A 116 20.07 -19.17 -9.30
C ASN A 116 20.10 -18.39 -7.99
N SER A 117 20.12 -17.06 -8.07
CA SER A 117 20.32 -16.23 -6.89
C SER A 117 19.11 -15.42 -6.47
N ASN A 118 18.34 -14.94 -7.45
CA ASN A 118 17.31 -13.94 -7.16
C ASN A 118 15.91 -14.29 -7.63
N LEU A 119 14.94 -13.57 -7.05
CA LEU A 119 13.57 -13.52 -7.54
C LEU A 119 13.34 -12.14 -8.16
N TYR A 120 12.54 -12.09 -9.22
CA TYR A 120 12.31 -10.84 -9.92
C TYR A 120 10.83 -10.60 -10.17
N MET A 121 10.37 -9.39 -9.86
CA MET A 121 9.02 -8.96 -10.19
C MET A 121 9.09 -7.65 -10.96
N VAL A 122 8.59 -7.67 -12.19
CA VAL A 122 8.69 -6.51 -13.07
C VAL A 122 7.34 -5.85 -13.22
N MET A 123 7.23 -4.60 -12.80
N MET A 123 7.26 -4.58 -12.78
CA MET A 123 5.95 -3.92 -12.83
CA MET A 123 6.01 -3.83 -12.71
C MET A 123 6.04 -2.57 -13.51
C MET A 123 6.05 -2.57 -13.56
N GLU A 124 4.89 -1.98 -13.78
CA GLU A 124 4.82 -0.67 -14.44
C GLU A 124 5.63 0.36 -13.66
N TYR A 125 6.40 1.16 -14.39
CA TYR A 125 7.18 2.23 -13.76
C TYR A 125 6.28 3.43 -13.47
N VAL A 126 6.31 3.89 -12.23
CA VAL A 126 5.49 5.02 -11.82
C VAL A 126 6.43 6.19 -11.54
N PRO A 127 6.47 7.15 -12.46
CA PRO A 127 7.60 8.09 -12.51
C PRO A 127 7.53 9.29 -11.55
N GLY A 128 6.39 9.52 -10.91
CA GLY A 128 6.23 10.70 -10.08
C GLY A 128 6.88 10.63 -8.72
N GLY A 129 7.46 9.48 -8.37
CA GLY A 129 8.12 9.31 -7.09
C GLY A 129 7.18 8.91 -5.96
N GLU A 130 7.78 8.69 -4.79
CA GLU A 130 7.03 8.31 -3.61
C GLU A 130 6.31 9.49 -2.99
N MET A 131 5.09 9.26 -2.50
CA MET A 131 4.42 10.25 -1.68
C MET A 131 5.35 10.72 -0.56
N PHE A 132 6.10 9.78 0.03
CA PHE A 132 7.03 10.09 1.10
C PHE A 132 7.92 11.31 0.82
N SER A 133 8.54 11.33 -0.35
CA SER A 133 9.45 12.41 -0.73
C SER A 133 8.72 13.75 -0.80
N HIS A 134 7.59 13.74 -1.49
CA HIS A 134 6.80 14.95 -1.66
C HIS A 134 6.33 15.49 -0.31
N LEU A 135 5.89 14.59 0.56
CA LEU A 135 5.41 14.97 1.89
C LEU A 135 6.52 15.56 2.76
N ARG A 136 7.69 14.92 2.76
CA ARG A 136 8.80 15.44 3.56
C ARG A 136 9.29 16.79 3.03
N ARG A 137 9.20 16.98 1.72
CA ARG A 137 9.67 18.22 1.10
C ARG A 137 8.75 19.39 1.44
N ILE A 138 7.44 19.18 1.36
CA ILE A 138 6.49 20.26 1.60
C ILE A 138 6.18 20.42 3.08
N GLY A 139 6.39 19.37 3.87
CA GLY A 139 6.08 19.41 5.28
C GLY A 139 4.79 18.67 5.58
N ARG A 140 3.66 19.24 5.18
CA ARG A 140 2.38 18.58 5.33
C ARG A 140 1.48 18.95 4.17
N PHE A 141 0.49 18.10 3.89
CA PHE A 141 -0.52 18.38 2.90
C PHE A 141 -1.71 19.09 3.51
N SER A 142 -2.38 19.93 2.74
CA SER A 142 -3.65 20.50 3.16
C SER A 142 -4.68 19.40 3.37
N GLU A 143 -5.74 19.67 4.13
CA GLU A 143 -6.74 18.63 4.31
C GLU A 143 -7.39 18.22 2.97
N PRO A 144 -7.71 19.15 2.06
CA PRO A 144 -8.25 18.67 0.77
C PRO A 144 -7.28 17.79 -0.02
N HIS A 145 -5.99 18.06 0.06
N HIS A 145 -5.99 18.12 0.04
CA HIS A 145 -5.05 17.23 -0.69
CA HIS A 145 -4.91 17.37 -0.61
C HIS A 145 -4.85 15.88 -0.01
C HIS A 145 -4.85 15.96 -0.01
N ALA A 146 -4.74 15.89 1.31
CA ALA A 146 -4.72 14.62 2.04
C ALA A 146 -5.97 13.78 1.73
N ARG A 147 -7.11 14.45 1.65
CA ARG A 147 -8.37 13.75 1.42
C ARG A 147 -8.43 13.10 0.04
N PHE A 148 -7.89 13.79 -0.96
CA PHE A 148 -7.82 13.23 -2.32
C PHE A 148 -7.04 11.91 -2.31
N TYR A 149 -5.90 11.88 -1.64
CA TYR A 149 -5.12 10.64 -1.55
C TYR A 149 -5.83 9.59 -0.68
N ALA A 150 -6.36 10.03 0.46
CA ALA A 150 -7.03 9.12 1.37
C ALA A 150 -8.19 8.39 0.68
N ALA A 151 -8.95 9.11 -0.14
CA ALA A 151 -10.10 8.52 -0.82
C ALA A 151 -9.67 7.34 -1.70
N GLN A 152 -8.52 7.48 -2.36
CA GLN A 152 -8.01 6.40 -3.19
C GLN A 152 -7.65 5.18 -2.36
N ILE A 153 -7.07 5.39 -1.17
CA ILE A 153 -6.75 4.26 -0.31
C ILE A 153 -8.02 3.61 0.22
N VAL A 154 -9.03 4.39 0.59
CA VAL A 154 -10.30 3.82 1.05
C VAL A 154 -10.90 2.90 -0.03
N LEU A 155 -10.94 3.35 -1.27
CA LEU A 155 -11.48 2.52 -2.36
C LEU A 155 -10.63 1.28 -2.58
N THR A 156 -9.32 1.44 -2.48
CA THR A 156 -8.40 0.33 -2.71
C THR A 156 -8.56 -0.74 -1.64
N PHE A 157 -8.70 -0.31 -0.39
CA PHE A 157 -8.93 -1.28 0.68
C PHE A 157 -10.33 -1.88 0.60
N GLU A 158 -11.32 -1.11 0.18
CA GLU A 158 -12.65 -1.68 -0.03
C GLU A 158 -12.56 -2.85 -1.05
N TYR A 159 -11.82 -2.62 -2.13
CA TYR A 159 -11.57 -3.64 -3.15
C TYR A 159 -10.79 -4.83 -2.55
N LEU A 160 -9.62 -4.58 -1.97
CA LEU A 160 -8.79 -5.67 -1.46
C LEU A 160 -9.53 -6.49 -0.41
N HIS A 161 -10.17 -5.82 0.54
CA HIS A 161 -10.81 -6.55 1.62
C HIS A 161 -11.96 -7.40 1.12
N SER A 162 -12.63 -6.97 0.05
N SER A 162 -12.63 -6.96 0.06
CA SER A 162 -13.73 -7.75 -0.52
CA SER A 162 -13.73 -7.74 -0.51
C SER A 162 -13.23 -9.06 -1.10
C SER A 162 -13.21 -9.09 -1.03
N LEU A 163 -11.94 -9.09 -1.45
CA LEU A 163 -11.28 -10.30 -1.97
C LEU A 163 -10.62 -11.11 -0.86
N ASP A 164 -10.86 -10.73 0.39
CA ASP A 164 -10.22 -11.33 1.57
C ASP A 164 -8.71 -11.09 1.58
N LEU A 165 -8.26 -9.98 1.03
CA LEU A 165 -6.85 -9.62 1.05
C LEU A 165 -6.62 -8.55 2.09
N ILE A 166 -5.61 -8.74 2.93
CA ILE A 166 -5.16 -7.70 3.86
C ILE A 166 -3.84 -7.16 3.31
N TYR A 167 -3.62 -5.85 3.38
CA TYR A 167 -2.47 -5.24 2.75
C TYR A 167 -1.23 -5.19 3.69
N ARG A 168 -1.43 -4.66 4.89
CA ARG A 168 -0.48 -4.79 6.00
C ARG A 168 0.82 -3.98 5.87
N ASP A 169 0.90 -3.02 4.96
CA ASP A 169 2.10 -2.16 4.96
C ASP A 169 1.81 -0.78 4.40
N LEU A 170 0.66 -0.22 4.73
CA LEU A 170 0.37 1.13 4.27
C LEU A 170 1.35 2.13 4.86
N LYS A 171 1.91 3.00 4.03
CA LYS A 171 2.81 4.10 4.47
C LYS A 171 3.15 4.91 3.23
N PRO A 172 3.57 6.18 3.41
CA PRO A 172 3.86 7.01 2.23
C PRO A 172 4.97 6.47 1.35
N GLU A 173 5.91 5.72 1.92
CA GLU A 173 6.99 5.11 1.16
C GLU A 173 6.47 4.16 0.07
N ASN A 174 5.29 3.59 0.30
CA ASN A 174 4.73 2.58 -0.60
C ASN A 174 3.68 3.12 -1.56
N LEU A 175 3.52 4.43 -1.60
CA LEU A 175 2.49 5.06 -2.43
C LEU A 175 3.18 5.93 -3.46
N LEU A 176 3.14 5.51 -4.71
CA LEU A 176 3.78 6.25 -5.79
C LEU A 176 2.78 7.16 -6.48
N ILE A 177 3.25 8.29 -6.99
CA ILE A 177 2.38 9.25 -7.66
C ILE A 177 2.56 9.10 -9.17
N ASP A 178 1.47 8.86 -9.89
CA ASP A 178 1.56 8.63 -11.32
C ASP A 178 1.46 9.94 -12.10
N GLN A 179 1.50 9.84 -13.42
CA GLN A 179 1.61 11.03 -14.25
C GLN A 179 0.39 11.92 -14.16
N GLN A 180 -0.73 11.39 -13.69
CA GLN A 180 -1.94 12.18 -13.53
C GLN A 180 -2.14 12.64 -12.08
N GLY A 181 -1.16 12.35 -11.23
CA GLY A 181 -1.24 12.77 -9.83
C GLY A 181 -2.02 11.83 -8.92
N TYR A 182 -2.40 10.66 -9.43
CA TYR A 182 -3.11 9.66 -8.65
C TYR A 182 -2.11 8.67 -8.04
N ILE A 183 -2.57 7.91 -7.06
CA ILE A 183 -1.75 6.95 -6.34
C ILE A 183 -1.66 5.59 -6.97
N GLN A 184 -0.47 5.00 -6.88
CA GLN A 184 -0.24 3.60 -7.17
C GLN A 184 0.35 2.95 -5.93
N VAL A 185 -0.38 2.01 -5.36
CA VAL A 185 0.14 1.22 -4.26
C VAL A 185 1.11 0.23 -4.83
N THR A 186 2.30 0.23 -4.23
N THR A 186 2.34 0.32 -4.34
CA THR A 186 3.24 -0.83 -4.51
CA THR A 186 3.36 -0.61 -4.75
C THR A 186 3.66 -1.54 -3.22
C THR A 186 3.80 -1.38 -3.54
N ASP A 187 4.41 -2.54 -3.56
CA ASP A 187 4.88 -3.34 -2.57
C ASP A 187 3.84 -4.10 -1.83
N PHE A 188 3.71 -5.33 -2.22
CA PHE A 188 2.74 -6.23 -1.66
C PHE A 188 3.42 -7.30 -0.79
N GLY A 189 4.62 -6.95 -0.32
CA GLY A 189 5.43 -7.85 0.48
C GLY A 189 4.75 -8.49 1.69
N PHE A 190 3.75 -7.83 2.27
CA PHE A 190 3.05 -8.39 3.44
C PHE A 190 1.59 -8.68 3.16
N ALA A 191 1.15 -8.49 1.92
CA ALA A 191 -0.24 -8.73 1.59
C ALA A 191 -0.54 -10.23 1.70
N LYS A 192 -1.74 -10.58 2.13
CA LYS A 192 -2.08 -11.97 2.37
C LYS A 192 -3.56 -12.20 2.20
N ARG A 193 -3.93 -13.34 1.63
CA ARG A 193 -5.32 -13.74 1.60
C ARG A 193 -5.68 -14.39 2.94
N VAL A 194 -6.63 -13.79 3.63
CA VAL A 194 -6.98 -14.14 5.00
C VAL A 194 -8.50 -14.14 5.15
N LYS A 195 -9.11 -15.25 5.52
CA LYS A 195 -10.56 -15.25 5.64
C LYS A 195 -11.05 -14.55 6.91
N GLY A 196 -10.34 -14.77 8.01
CA GLY A 196 -10.69 -14.20 9.30
C GLY A 196 -9.46 -13.64 10.00
N ARG A 197 -8.86 -14.43 10.88
CA ARG A 197 -7.67 -14.01 11.62
C ARG A 197 -6.38 -14.46 10.95
N THR A 198 -5.31 -13.72 11.24
CA THR A 198 -3.96 -14.16 10.92
C THR A 198 -3.05 -13.69 12.06
N TRP A 199 -1.82 -14.20 12.13
CA TRP A 199 -1.04 -14.07 13.35
C TRP A 199 0.40 -13.55 13.17
N TPO A 200 0.85 -13.30 11.94
CA TPO A 200 2.26 -12.93 11.75
CB TPO A 200 2.67 -13.03 10.28
CG2 TPO A 200 4.19 -12.86 10.16
OG1 TPO A 200 2.33 -14.33 9.80
P TPO A 200 1.25 -14.31 8.60
O1P TPO A 200 0.00 -13.51 9.14
O2P TPO A 200 0.85 -15.83 8.40
O3P TPO A 200 1.83 -13.69 7.38
C TPO A 200 2.55 -11.52 12.26
O TPO A 200 1.80 -10.58 11.99
N LEU A 201 3.63 -11.38 13.01
CA LEU A 201 4.07 -10.07 13.47
C LEU A 201 4.83 -9.40 12.34
N CYS A 202 4.18 -8.51 11.61
CA CYS A 202 4.83 -7.84 10.48
C CYS A 202 4.15 -6.52 10.18
N GLY A 203 4.86 -5.67 9.42
CA GLY A 203 4.41 -4.34 9.07
C GLY A 203 5.52 -3.34 9.34
N THR A 204 5.17 -2.06 9.49
CA THR A 204 6.16 -1.02 9.77
C THR A 204 5.77 -0.37 11.10
N PRO A 205 6.72 -0.24 12.04
CA PRO A 205 6.38 0.13 13.42
C PRO A 205 5.36 1.26 13.58
N GLU A 206 5.57 2.41 12.95
CA GLU A 206 4.68 3.55 13.14
C GLU A 206 3.24 3.29 12.70
N TYR A 207 3.04 2.31 11.82
CA TYR A 207 1.74 2.01 11.22
C TYR A 207 1.06 0.77 11.81
N LEU A 208 1.70 0.08 12.76
CA LEU A 208 1.11 -1.13 13.34
C LEU A 208 -0.07 -0.86 14.27
N ALA A 209 -1.16 -1.60 14.07
CA ALA A 209 -2.26 -1.57 15.00
C ALA A 209 -1.85 -2.19 16.34
N PRO A 210 -2.50 -1.76 17.43
CA PRO A 210 -2.13 -2.30 18.74
C PRO A 210 -2.26 -3.81 18.81
N GLU A 211 -3.26 -4.39 18.15
CA GLU A 211 -3.47 -5.82 18.27
C GLU A 211 -2.34 -6.62 17.59
N ILE A 212 -1.64 -6.03 16.61
CA ILE A 212 -0.46 -6.70 16.06
C ILE A 212 0.65 -6.72 17.13
N ILE A 213 0.93 -5.56 17.71
CA ILE A 213 1.97 -5.40 18.71
C ILE A 213 1.75 -6.30 19.91
N LEU A 214 0.48 -6.52 20.24
CA LEU A 214 0.12 -7.32 21.39
C LEU A 214 -0.03 -8.81 21.06
N SER A 215 0.42 -9.21 19.87
CA SER A 215 0.47 -10.64 19.50
C SER A 215 -0.90 -11.30 19.56
N LYS A 216 -1.93 -10.57 19.18
CA LYS A 216 -3.27 -11.10 19.09
C LYS A 216 -3.53 -11.48 17.66
N GLY A 217 -4.24 -12.58 17.41
CA GLY A 217 -4.72 -12.90 16.09
C GLY A 217 -5.58 -11.75 15.63
N TYR A 218 -5.25 -11.18 14.48
CA TYR A 218 -5.89 -9.94 14.06
C TYR A 218 -6.51 -10.12 12.69
N ASN A 219 -7.26 -9.11 12.26
CA ASN A 219 -8.00 -9.20 11.00
C ASN A 219 -7.74 -7.97 10.14
N LYS A 220 -8.56 -7.81 9.10
N LYS A 220 -8.58 -7.80 9.10
CA LYS A 220 -8.35 -6.76 8.12
CA LYS A 220 -8.37 -6.74 8.12
C LYS A 220 -8.45 -5.36 8.73
C LYS A 220 -8.50 -5.34 8.71
N ALA A 221 -9.03 -5.23 9.92
CA ALA A 221 -9.15 -3.93 10.55
C ALA A 221 -7.79 -3.28 10.84
N VAL A 222 -6.70 -4.04 10.80
CA VAL A 222 -5.40 -3.42 10.97
C VAL A 222 -5.12 -2.43 9.83
N ASP A 223 -5.68 -2.68 8.65
CA ASP A 223 -5.49 -1.75 7.52
C ASP A 223 -6.24 -0.44 7.76
N TRP A 224 -7.39 -0.49 8.42
CA TRP A 224 -8.12 0.74 8.70
C TRP A 224 -7.43 1.58 9.77
N TRP A 225 -6.85 0.91 10.78
CA TRP A 225 -5.96 1.60 11.71
C TRP A 225 -4.84 2.31 10.94
N ALA A 226 -4.17 1.57 10.06
CA ALA A 226 -3.08 2.15 9.29
C ALA A 226 -3.52 3.34 8.43
N LEU A 227 -4.75 3.29 7.89
CA LEU A 227 -5.28 4.45 7.19
C LEU A 227 -5.34 5.67 8.11
N GLY A 228 -5.77 5.48 9.36
CA GLY A 228 -5.75 6.59 10.30
C GLY A 228 -4.35 7.16 10.49
N VAL A 229 -3.35 6.29 10.60
CA VAL A 229 -1.96 6.77 10.73
C VAL A 229 -1.58 7.56 9.49
N LEU A 230 -1.91 7.05 8.30
CA LEU A 230 -1.54 7.71 7.05
C LEU A 230 -2.19 9.08 6.92
N ILE A 231 -3.49 9.16 7.19
CA ILE A 231 -4.18 10.45 7.08
C ILE A 231 -3.58 11.45 8.06
N TYR A 232 -3.35 11.01 9.31
CA TYR A 232 -2.71 11.87 10.29
C TYR A 232 -1.37 12.38 9.76
N GLU A 233 -0.52 11.46 9.28
CA GLU A 233 0.81 11.87 8.82
C GLU A 233 0.72 12.82 7.63
N MET A 234 -0.16 12.53 6.67
CA MET A 234 -0.31 13.44 5.53
C MET A 234 -0.71 14.84 5.97
N ALA A 235 -1.63 14.94 6.93
CA ALA A 235 -2.16 16.24 7.34
C ALA A 235 -1.29 16.97 8.38
N ALA A 236 -0.49 16.23 9.16
CA ALA A 236 0.36 16.81 10.20
C ALA A 236 1.80 16.99 9.75
N GLY A 237 2.27 16.05 8.93
CA GLY A 237 3.66 15.99 8.52
C GLY A 237 4.50 14.99 9.28
N TYR A 238 3.92 14.39 10.32
CA TYR A 238 4.57 13.39 11.16
C TYR A 238 3.44 12.46 11.63
N PRO A 239 3.76 11.21 11.98
CA PRO A 239 2.73 10.26 12.37
C PRO A 239 2.32 10.46 13.84
N PRO A 240 1.19 9.85 14.24
CA PRO A 240 0.63 10.09 15.57
C PRO A 240 1.41 9.44 16.71
N PHE A 241 2.18 8.38 16.41
CA PHE A 241 2.98 7.68 17.40
C PHE A 241 4.42 7.73 16.93
N PHE A 242 5.16 8.66 17.51
CA PHE A 242 6.38 9.19 16.91
C PHE A 242 7.49 9.15 17.95
N ALA A 243 8.50 8.32 17.72
CA ALA A 243 9.62 8.16 18.65
C ALA A 243 10.83 7.57 17.94
N ASP A 244 12.00 7.71 18.52
CA ASP A 244 13.24 7.34 17.84
C ASP A 244 13.40 5.84 17.62
N GLN A 245 12.92 5.04 18.56
CA GLN A 245 13.11 3.59 18.51
C GLN A 245 11.80 2.84 18.46
N PRO A 246 11.76 1.72 17.71
CA PRO A 246 10.55 0.91 17.64
C PRO A 246 9.91 0.58 19.00
N ILE A 247 10.67 0.20 20.01
CA ILE A 247 10.05 -0.13 21.27
C ILE A 247 9.26 1.05 21.87
N GLN A 248 9.77 2.27 21.72
CA GLN A 248 9.06 3.46 22.21
C GLN A 248 7.81 3.75 21.38
N ILE A 249 7.92 3.49 20.08
CA ILE A 249 6.77 3.65 19.19
C ILE A 249 5.65 2.71 19.62
N TYR A 250 6.00 1.45 19.89
CA TYR A 250 5.01 0.46 20.29
C TYR A 250 4.30 0.86 21.57
N GLU A 251 5.06 1.37 22.54
CA GLU A 251 4.50 1.83 23.80
C GLU A 251 3.45 2.91 23.59
N LYS A 252 3.73 3.85 22.67
CA LYS A 252 2.78 4.92 22.38
C LYS A 252 1.52 4.38 21.69
N ILE A 253 1.70 3.45 20.76
CA ILE A 253 0.56 2.87 20.06
C ILE A 253 -0.39 2.16 21.02
N VAL A 254 0.17 1.37 21.93
CA VAL A 254 -0.62 0.55 22.85
C VAL A 254 -1.32 1.40 23.90
N SER A 255 -0.69 2.49 24.31
CA SER A 255 -1.35 3.46 25.18
C SER A 255 -2.58 4.02 24.47
N GLY A 256 -2.43 4.28 23.17
CA GLY A 256 -3.53 4.67 22.32
C GLY A 256 -3.83 6.16 22.31
N LYS A 257 -3.21 6.89 23.22
CA LYS A 257 -3.45 8.32 23.33
C LYS A 257 -2.96 9.08 22.10
N VAL A 258 -3.88 9.71 21.40
CA VAL A 258 -3.51 10.51 20.24
C VAL A 258 -3.74 11.98 20.54
N ARG A 259 -2.75 12.79 20.20
CA ARG A 259 -2.86 14.24 20.26
C ARG A 259 -2.83 14.78 18.85
N PHE A 260 -3.57 15.85 18.59
CA PHE A 260 -3.71 16.40 17.24
C PHE A 260 -3.16 17.81 17.15
N PRO A 261 -2.56 18.17 16.01
CA PRO A 261 -2.17 19.57 15.77
C PRO A 261 -3.37 20.50 15.89
N SER A 262 -3.16 21.73 16.32
CA SER A 262 -4.25 22.67 16.52
C SER A 262 -4.91 23.07 15.20
N HIS A 263 -4.23 22.84 14.08
CA HIS A 263 -4.82 23.18 12.80
C HIS A 263 -5.73 22.08 12.22
N PHE A 264 -5.77 20.91 12.85
CA PHE A 264 -6.70 19.86 12.37
C PHE A 264 -8.15 20.29 12.55
N SER A 265 -8.96 20.13 11.52
CA SER A 265 -10.39 20.36 11.63
C SER A 265 -11.04 19.39 12.61
N SER A 266 -12.18 19.77 13.17
CA SER A 266 -12.93 18.88 14.04
C SER A 266 -13.39 17.63 13.29
N ASP A 267 -13.79 17.78 12.03
CA ASP A 267 -14.18 16.63 11.22
C ASP A 267 -13.03 15.63 11.10
N LEU A 268 -11.82 16.15 10.87
CA LEU A 268 -10.66 15.27 10.73
C LEU A 268 -10.36 14.55 12.04
N LYS A 269 -10.38 15.29 13.15
CA LYS A 269 -10.11 14.64 14.44
C LYS A 269 -11.14 13.56 14.75
N ASP A 270 -12.41 13.81 14.43
CA ASP A 270 -13.43 12.81 14.68
C ASP A 270 -13.16 11.54 13.85
N LEU A 271 -12.86 11.70 12.56
CA LEU A 271 -12.55 10.54 11.73
C LEU A 271 -11.35 9.78 12.33
N LEU A 272 -10.30 10.52 12.67
CA LEU A 272 -9.09 9.87 13.16
C LEU A 272 -9.30 9.15 14.50
N ARG A 273 -10.10 9.71 15.40
CA ARG A 273 -10.37 9.01 16.65
C ARG A 273 -11.12 7.70 16.40
N ASN A 274 -11.91 7.66 15.34
CA ASN A 274 -12.66 6.46 15.02
C ASN A 274 -11.85 5.41 14.23
N LEU A 275 -10.78 5.83 13.55
CA LEU A 275 -9.86 4.91 12.90
C LEU A 275 -8.77 4.42 13.86
N LEU A 276 -8.20 5.36 14.62
CA LEU A 276 -7.15 5.07 15.59
C LEU A 276 -7.79 4.65 16.93
N GLN A 277 -8.67 3.67 16.83
CA GLN A 277 -9.50 3.19 17.92
C GLN A 277 -8.98 1.83 18.35
N VAL A 278 -8.49 1.74 19.58
CA VAL A 278 -7.94 0.47 20.07
C VAL A 278 -9.02 -0.60 20.20
N ASP A 279 -10.22 -0.18 20.58
CA ASP A 279 -11.35 -1.09 20.78
C ASP A 279 -11.91 -1.55 19.43
N LEU A 280 -11.70 -2.80 19.06
CA LEU A 280 -12.13 -3.28 17.75
C LEU A 280 -13.64 -3.25 17.56
N THR A 281 -14.39 -3.27 18.67
CA THR A 281 -15.85 -3.18 18.57
C THR A 281 -16.31 -1.78 18.20
N LYS A 282 -15.37 -0.83 18.16
CA LYS A 282 -15.69 0.56 17.89
C LYS A 282 -14.95 1.13 16.69
N ARG A 283 -13.96 0.40 16.16
CA ARG A 283 -13.15 0.96 15.08
C ARG A 283 -13.88 1.00 13.75
N PHE A 284 -13.87 2.17 13.11
CA PHE A 284 -14.46 2.29 11.79
C PHE A 284 -13.77 1.36 10.80
N GLY A 285 -14.59 0.77 9.93
CA GLY A 285 -14.13 -0.25 9.01
C GLY A 285 -14.29 -1.63 9.60
N ASN A 286 -14.63 -1.71 10.90
CA ASN A 286 -14.79 -3.02 11.54
C ASN A 286 -16.19 -3.21 12.14
N LEU A 287 -17.12 -2.32 11.81
CA LEU A 287 -18.47 -2.37 12.38
C LEU A 287 -19.47 -2.93 11.38
N LYS A 288 -20.73 -3.03 11.81
CA LYS A 288 -21.80 -3.55 10.97
C LYS A 288 -21.93 -2.85 9.63
N ASN A 289 -21.75 -1.52 9.64
CA ASN A 289 -21.89 -0.68 8.45
CA ASN A 289 -21.92 -0.76 8.40
C ASN A 289 -20.66 -0.72 7.55
N GLY A 290 -19.64 -1.48 7.95
CA GLY A 290 -18.45 -1.69 7.14
C GLY A 290 -17.77 -0.42 6.67
N VAL A 291 -17.41 -0.39 5.38
CA VAL A 291 -16.64 0.73 4.85
C VAL A 291 -17.48 2.01 4.76
N ASN A 292 -18.79 1.84 4.80
CA ASN A 292 -19.68 2.98 4.71
C ASN A 292 -19.51 3.97 5.87
N ASP A 293 -19.12 3.49 7.05
CA ASP A 293 -18.85 4.41 8.16
C ASP A 293 -17.76 5.40 7.79
N ILE A 294 -16.78 4.95 7.00
CA ILE A 294 -15.70 5.81 6.57
C ILE A 294 -16.16 6.69 5.40
N LYS A 295 -16.73 6.05 4.38
CA LYS A 295 -17.06 6.78 3.16
C LYS A 295 -18.13 7.84 3.39
N ASN A 296 -19.00 7.62 4.37
CA ASN A 296 -20.09 8.56 4.66
C ASN A 296 -19.76 9.53 5.80
N HIS A 297 -18.54 9.49 6.30
CA HIS A 297 -18.11 10.41 7.37
C HIS A 297 -18.08 11.85 6.88
N LYS A 298 -18.38 12.81 7.75
CA LYS A 298 -18.36 14.21 7.37
C LYS A 298 -17.06 14.67 6.70
N TRP A 299 -15.91 14.12 7.10
CA TRP A 299 -14.67 14.61 6.51
C TRP A 299 -14.61 14.29 5.02
N PHE A 300 -15.34 13.27 4.59
CA PHE A 300 -15.40 12.89 3.18
C PHE A 300 -16.65 13.41 2.45
N ALA A 301 -17.39 14.34 3.06
CA ALA A 301 -18.66 14.78 2.48
C ALA A 301 -18.51 15.36 1.07
N THR A 302 -17.37 15.97 0.78
CA THR A 302 -17.15 16.59 -0.53
C THR A 302 -16.56 15.60 -1.54
N THR A 303 -16.34 14.37 -1.12
CA THR A 303 -15.73 13.36 -1.99
C THR A 303 -16.76 12.67 -2.87
N ASP A 304 -16.54 12.75 -4.18
CA ASP A 304 -17.34 12.03 -5.17
C ASP A 304 -16.63 10.71 -5.44
N TRP A 305 -17.08 9.64 -4.80
CA TRP A 305 -16.33 8.38 -4.81
C TRP A 305 -16.20 7.81 -6.23
N ILE A 306 -17.25 7.87 -7.03
CA ILE A 306 -17.17 7.38 -8.39
C ILE A 306 -16.21 8.23 -9.22
N ALA A 307 -16.23 9.55 -9.02
CA ALA A 307 -15.33 10.41 -9.78
C ALA A 307 -13.86 10.13 -9.44
N ILE A 308 -13.59 9.79 -8.18
CA ILE A 308 -12.23 9.39 -7.79
C ILE A 308 -11.85 8.09 -8.51
N TYR A 309 -12.73 7.09 -8.45
CA TYR A 309 -12.50 5.82 -9.13
C TYR A 309 -12.24 6.01 -10.63
N GLN A 310 -13.03 6.90 -11.25
CA GLN A 310 -12.92 7.19 -12.68
C GLN A 310 -11.75 8.11 -13.01
N ARG A 311 -11.07 8.61 -11.97
CA ARG A 311 -9.91 9.47 -12.10
C ARG A 311 -10.27 10.78 -12.81
N LYS A 312 -11.48 11.26 -12.54
CA LYS A 312 -11.96 12.50 -13.14
C LYS A 312 -11.82 13.72 -12.23
N VAL A 313 -11.36 13.52 -11.01
CA VAL A 313 -11.11 14.63 -10.10
C VAL A 313 -9.73 15.24 -10.37
N GLU A 314 -9.67 16.57 -10.41
CA GLU A 314 -8.42 17.27 -10.59
C GLU A 314 -7.47 16.99 -9.44
N ALA A 315 -6.27 16.48 -9.75
CA ALA A 315 -5.30 16.15 -8.71
C ALA A 315 -4.69 17.42 -8.14
N PRO A 316 -4.28 17.37 -6.87
CA PRO A 316 -3.66 18.54 -6.25
C PRO A 316 -2.29 18.87 -6.82
N PHE A 317 -1.64 17.85 -7.38
CA PHE A 317 -0.24 17.91 -7.71
C PHE A 317 0.04 17.00 -8.91
N ILE A 318 0.66 17.56 -9.93
CA ILE A 318 1.05 16.79 -11.11
C ILE A 318 2.57 16.75 -11.18
N PRO A 319 3.16 15.56 -11.05
CA PRO A 319 4.63 15.45 -10.98
C PRO A 319 5.31 15.94 -12.24
N LYS A 320 6.51 16.49 -12.08
CA LYS A 320 7.37 16.85 -13.19
C LYS A 320 7.69 15.63 -14.03
N PHE A 321 7.43 15.71 -15.34
CA PHE A 321 7.68 14.60 -16.24
C PHE A 321 8.66 15.00 -17.34
N LYS A 322 9.75 14.25 -17.44
CA LYS A 322 10.86 14.62 -18.33
C LYS A 322 11.19 13.52 -19.35
N GLY A 323 10.25 12.61 -19.58
CA GLY A 323 10.48 11.48 -20.46
C GLY A 323 10.24 10.17 -19.74
N PRO A 324 9.99 9.09 -20.50
CA PRO A 324 9.57 7.80 -19.95
C PRO A 324 10.56 7.14 -18.99
N GLY A 325 11.84 7.49 -19.10
CA GLY A 325 12.86 6.90 -18.24
C GLY A 325 13.47 7.87 -17.25
N ASP A 326 12.86 9.05 -17.15
CA ASP A 326 13.31 10.07 -16.20
C ASP A 326 13.15 9.59 -14.76
N THR A 327 14.18 9.80 -13.95
CA THR A 327 14.16 9.39 -12.54
C THR A 327 14.30 10.56 -11.58
N SER A 328 14.03 11.77 -12.06
CA SER A 328 14.26 12.97 -11.26
C SER A 328 13.44 13.06 -9.98
N ASN A 329 12.34 12.32 -9.90
CA ASN A 329 11.47 12.38 -8.72
C ASN A 329 11.84 11.35 -7.65
N PHE A 330 12.95 10.64 -7.87
CA PHE A 330 13.44 9.64 -6.92
C PHE A 330 14.78 10.04 -6.33
N ASP A 331 15.01 9.64 -5.08
CA ASP A 331 16.27 9.90 -4.43
C ASP A 331 17.34 8.97 -4.98
N ASP A 332 18.60 9.27 -4.71
CA ASP A 332 19.71 8.44 -5.15
C ASP A 332 20.07 7.38 -4.12
N TYR A 333 20.46 6.21 -4.60
CA TYR A 333 20.89 5.11 -3.75
C TYR A 333 22.21 4.55 -4.25
N GLU A 334 22.98 3.93 -3.36
CA GLU A 334 24.20 3.25 -3.76
C GLU A 334 23.86 2.13 -4.73
N GLU A 335 24.57 2.10 -5.86
CA GLU A 335 24.33 1.07 -6.86
C GLU A 335 25.17 -0.17 -6.56
N GLU A 336 24.49 -1.28 -6.29
CA GLU A 336 25.19 -2.53 -5.99
C GLU A 336 25.03 -3.52 -7.15
N GLU A 337 25.97 -4.45 -7.25
CA GLU A 337 25.94 -5.49 -8.27
C GLU A 337 24.73 -6.42 -8.17
N ILE A 338 24.21 -6.87 -9.31
CA ILE A 338 23.20 -7.92 -9.33
C ILE A 338 23.88 -9.27 -9.56
N ARG A 339 24.33 -9.90 -8.48
CA ARG A 339 25.07 -11.15 -8.54
C ARG A 339 24.18 -12.34 -8.88
N VAL A 340 24.60 -13.12 -9.88
CA VAL A 340 23.88 -14.35 -10.22
C VAL A 340 24.84 -15.55 -10.15
N SEP A 341 24.74 -16.31 -9.08
CA SEP A 341 25.65 -17.43 -8.80
CB SEP A 341 25.36 -18.02 -7.42
OG SEP A 341 25.91 -19.33 -7.28
C SEP A 341 25.58 -18.51 -9.87
O SEP A 341 24.56 -18.68 -10.53
P SEP A 341 27.41 -19.28 -6.69
O1P SEP A 341 27.56 -18.03 -5.68
O2P SEP A 341 28.42 -19.12 -7.93
O3P SEP A 341 27.73 -20.65 -5.91
N ILE A 342 26.69 -19.24 -10.03
CA ILE A 342 26.74 -20.37 -10.94
C ILE A 342 25.87 -21.50 -10.40
N ASN A 343 25.72 -21.53 -9.08
CA ASN A 343 24.95 -22.57 -8.42
C ASN A 343 23.59 -22.08 -7.92
N GLU A 344 22.56 -22.88 -8.16
CA GLU A 344 21.21 -22.56 -7.72
C GLU A 344 21.11 -22.49 -6.20
N LYS A 345 20.48 -21.42 -5.71
CA LYS A 345 20.29 -21.26 -4.27
C LYS A 345 18.82 -21.39 -3.91
N CYS A 346 18.55 -22.15 -2.84
CA CYS A 346 17.20 -22.27 -2.30
C CYS A 346 16.16 -22.69 -3.34
N GLY A 347 16.51 -23.65 -4.17
CA GLY A 347 15.61 -24.15 -5.19
C GLY A 347 14.38 -24.82 -4.61
N LYS A 348 14.58 -25.54 -3.50
CA LYS A 348 13.49 -26.19 -2.79
C LYS A 348 12.45 -25.18 -2.28
N GLU A 349 12.94 -24.09 -1.70
CA GLU A 349 12.08 -23.13 -1.03
C GLU A 349 11.21 -22.30 -1.98
N PHE A 350 11.62 -22.18 -3.25
CA PHE A 350 10.93 -21.28 -4.16
C PHE A 350 10.42 -21.94 -5.44
N THR A 351 10.07 -23.23 -5.35
CA THR A 351 9.63 -23.98 -6.51
C THR A 351 8.37 -23.41 -7.15
N GLU A 352 7.46 -22.88 -6.32
CA GLU A 352 6.18 -22.40 -6.82
C GLU A 352 6.24 -20.95 -7.32
N PHE A 353 7.36 -20.28 -7.13
CA PHE A 353 7.49 -18.91 -7.59
C PHE A 353 7.61 -18.86 -9.11
N ILE B 1 9.81 17.54 24.41
CA ILE B 1 9.76 17.92 23.01
C ILE B 1 9.77 16.69 22.12
N ALA B 2 8.93 16.71 21.08
CA ALA B 2 8.78 15.55 20.18
C ALA B 2 10.08 15.23 19.44
N ALA B 3 10.32 13.94 19.25
CA ALA B 3 11.44 13.44 18.45
C ALA B 3 11.07 12.09 17.88
N GLY B 4 11.43 11.83 16.63
CA GLY B 4 11.09 10.57 15.99
C GLY B 4 11.76 10.39 14.65
N ARG B 5 11.41 9.33 13.95
CA ARG B 5 12.07 8.95 12.71
C ARG B 5 11.54 9.71 11.51
N THR B 6 12.41 10.47 10.85
CA THR B 6 11.98 11.28 9.69
C THR B 6 12.37 10.66 8.36
N GLY B 7 13.28 9.69 8.38
CA GLY B 7 13.71 9.04 7.15
C GLY B 7 12.81 7.86 6.78
N ARG B 8 13.12 7.21 5.67
CA ARG B 8 12.32 6.07 5.25
C ARG B 8 12.34 4.98 6.31
N ARG B 9 11.21 4.32 6.49
CA ARG B 9 11.04 3.36 7.56
C ARG B 9 10.99 1.94 7.03
N GLN B 10 11.87 1.09 7.55
CA GLN B 10 11.89 -0.30 7.11
C GLN B 10 10.83 -1.13 7.82
N ALA B 11 10.28 -2.09 7.09
CA ALA B 11 9.35 -3.04 7.67
C ALA B 11 10.03 -3.97 8.67
N ILE B 12 9.25 -4.50 9.59
CA ILE B 12 9.74 -5.52 10.50
C ILE B 12 9.05 -6.83 10.15
N HIS B 13 9.74 -7.93 10.42
CA HIS B 13 9.24 -9.25 10.09
C HIS B 13 9.01 -10.05 11.37
N ASP B 14 9.29 -9.41 12.51
CA ASP B 14 9.03 -9.98 13.82
C ASP B 14 9.19 -8.92 14.90
N ILE B 15 8.65 -9.19 16.09
CA ILE B 15 8.80 -8.29 17.23
C ILE B 15 9.33 -9.05 18.44
#